data_3GBG
#
_entry.id   3GBG
#
_cell.length_a   39.311
_cell.length_b   77.739
_cell.length_c   83.568
_cell.angle_alpha   90.00
_cell.angle_beta   90.00
_cell.angle_gamma   90.00
#
_symmetry.space_group_name_H-M   'P 21 21 21'
#
loop_
_entity.id
_entity.type
_entity.pdbx_description
1 polymer 'TCP pilus virulence regulatory protein'
2 non-polymer 'PALMITOLEIC ACID'
3 water water
#
_entity_poly.entity_id   1
_entity_poly.type   'polypeptide(L)'
_entity_poly.pdbx_seq_one_letter_code
;MIGKKSFQTNVYRMSKFDTYIFNNLYINDYKMFWIDSGIAKLIDKNCLVSYEINSSSIILLKKNSIQRFSLTSLSDENIN
VSVITISDSFIRSLKSYILGDLMIRNLYSENKDLLLWNCEHNDIAVLSEVVNGFREINYSDEFLKVFFSGFFSKVEKKYN
SIFITDDLDAMEKISCLVKSDITRNWRWADICGELRTNRMILKKELESRGVKFRELINSIRISYSISLMKTGEFKIKQIA
YQSGFASVSYFSTVFKSTMNVAPSEYLFMLTGVAEK
;
_entity_poly.pdbx_strand_id   A
#
loop_
_chem_comp.id
_chem_comp.type
_chem_comp.name
_chem_comp.formula
PAM non-polymer 'PALMITOLEIC ACID' 'C16 H30 O2'
#
# COMPACT_ATOMS: atom_id res chain seq x y z
N LYS A 4 15.18 2.78 9.97
CA LYS A 4 14.27 1.63 10.27
C LYS A 4 12.87 2.09 10.64
N LYS A 5 12.75 3.23 11.31
CA LYS A 5 11.44 3.73 11.70
C LYS A 5 10.77 4.41 10.52
N SER A 6 11.55 4.71 9.49
CA SER A 6 11.04 5.34 8.29
C SER A 6 10.69 4.22 7.32
N PHE A 7 10.95 2.98 7.74
CA PHE A 7 10.68 1.80 6.95
C PHE A 7 9.99 0.71 7.76
N GLN A 8 8.79 0.33 7.35
CA GLN A 8 8.04 -0.73 8.03
C GLN A 8 7.98 -1.90 7.06
N THR A 9 8.58 -3.03 7.43
CA THR A 9 8.60 -4.18 6.53
C THR A 9 7.95 -5.47 7.03
N ASN A 10 7.37 -6.23 6.11
CA ASN A 10 6.75 -7.49 6.43
C ASN A 10 7.07 -8.51 5.34
N VAL A 11 7.07 -9.79 5.70
CA VAL A 11 7.35 -10.85 4.75
C VAL A 11 6.19 -11.84 4.80
N TYR A 12 5.61 -12.12 3.64
CA TYR A 12 4.48 -13.04 3.54
C TYR A 12 4.83 -14.27 2.74
N ARG A 13 4.42 -15.43 3.24
CA ARG A 13 4.66 -16.71 2.59
C ARG A 13 3.62 -16.89 1.49
N MET A 14 4.05 -17.40 0.33
CA MET A 14 3.14 -17.63 -0.78
C MET A 14 3.28 -19.08 -1.24
N SER A 15 2.26 -19.89 -0.96
CA SER A 15 2.28 -21.31 -1.33
C SER A 15 2.33 -21.50 -2.83
N LYS A 16 2.87 -22.63 -3.27
CA LYS A 16 2.98 -22.91 -4.69
C LYS A 16 1.67 -22.72 -5.45
N PHE A 17 1.75 -21.94 -6.52
CA PHE A 17 0.62 -21.67 -7.40
C PHE A 17 -0.63 -21.07 -6.75
N ASP A 18 -0.46 -20.49 -5.57
CA ASP A 18 -1.58 -19.87 -4.86
C ASP A 18 -1.76 -18.46 -5.42
N THR A 19 -2.91 -17.85 -5.12
CA THR A 19 -3.20 -16.51 -5.61
C THR A 19 -3.73 -15.59 -4.51
N TYR A 20 -3.21 -14.37 -4.45
CA TYR A 20 -3.67 -13.38 -3.49
C TYR A 20 -4.49 -12.42 -4.33
N ILE A 21 -5.67 -12.04 -3.84
CA ILE A 21 -6.55 -11.14 -4.58
C ILE A 21 -6.92 -9.92 -3.74
N PHE A 22 -6.72 -8.73 -4.29
CA PHE A 22 -7.02 -7.50 -3.58
C PHE A 22 -8.07 -6.70 -4.33
N ASN A 23 -9.09 -6.25 -3.62
CA ASN A 23 -10.16 -5.46 -4.24
C ASN A 23 -10.43 -4.23 -3.39
N ASN A 24 -10.32 -3.07 -4.02
CA ASN A 24 -10.53 -1.80 -3.33
C ASN A 24 -9.59 -1.67 -2.14
N LEU A 25 -8.32 -2.01 -2.37
CA LEU A 25 -7.31 -1.92 -1.34
C LEU A 25 -6.71 -0.52 -1.31
N TYR A 26 -7.01 0.23 -0.25
CA TYR A 26 -6.50 1.59 -0.09
C TYR A 26 -5.05 1.60 0.43
N ILE A 27 -4.17 2.33 -0.26
CA ILE A 27 -2.79 2.39 0.15
C ILE A 27 -2.55 3.59 1.08
N ASN A 28 -2.47 3.31 2.37
CA ASN A 28 -2.28 4.30 3.44
C ASN A 28 -0.99 5.10 3.30
N ASP A 29 0.06 4.44 2.85
CA ASP A 29 1.36 5.08 2.66
C ASP A 29 2.11 4.35 1.54
N TYR A 30 3.03 5.05 0.88
CA TYR A 30 3.80 4.47 -0.19
C TYR A 30 4.32 3.10 0.19
N LYS A 31 4.17 2.15 -0.72
CA LYS A 31 4.63 0.78 -0.47
C LYS A 31 5.33 0.20 -1.70
N MET A 32 6.14 -0.81 -1.46
CA MET A 32 6.85 -1.49 -2.54
C MET A 32 6.99 -2.93 -2.13
N PHE A 33 6.81 -3.85 -3.08
CA PHE A 33 6.95 -5.26 -2.77
C PHE A 33 7.59 -6.01 -3.92
N TRP A 34 8.06 -7.21 -3.63
CA TRP A 34 8.69 -8.05 -4.63
C TRP A 34 8.83 -9.46 -4.08
N ILE A 35 8.99 -10.43 -4.97
CA ILE A 35 9.16 -11.82 -4.55
C ILE A 35 10.64 -12.11 -4.38
N ASP A 36 10.95 -12.99 -3.43
CA ASP A 36 12.34 -13.32 -3.14
C ASP A 36 12.92 -14.33 -4.11
N SER A 37 12.04 -15.08 -4.78
CA SER A 37 12.47 -16.09 -5.73
C SER A 37 11.29 -16.58 -6.55
N GLY A 38 11.56 -17.43 -7.53
CA GLY A 38 10.51 -17.96 -8.38
C GLY A 38 9.95 -16.92 -9.34
N ILE A 39 8.74 -17.17 -9.80
CA ILE A 39 8.07 -16.27 -10.74
C ILE A 39 6.62 -16.13 -10.30
N ALA A 40 6.02 -14.97 -10.56
CA ALA A 40 4.63 -14.73 -10.20
C ALA A 40 3.95 -13.93 -11.30
N LYS A 41 2.63 -14.02 -11.35
CA LYS A 41 1.84 -13.31 -12.35
C LYS A 41 0.98 -12.25 -11.66
N LEU A 42 1.18 -11.00 -12.03
CA LEU A 42 0.42 -9.92 -11.46
C LEU A 42 -0.62 -9.47 -12.47
N ILE A 43 -1.89 -9.47 -12.06
CA ILE A 43 -2.97 -9.05 -12.94
C ILE A 43 -3.53 -7.74 -12.38
N ASP A 44 -3.41 -6.68 -13.15
CA ASP A 44 -3.90 -5.37 -12.74
C ASP A 44 -5.30 -5.15 -13.29
N LYS A 45 -6.30 -5.25 -12.44
CA LYS A 45 -7.68 -5.06 -12.85
C LYS A 45 -8.01 -3.61 -13.18
N ASN A 46 -7.18 -2.68 -12.72
CA ASN A 46 -7.42 -1.27 -12.98
C ASN A 46 -7.05 -0.89 -14.40
N CYS A 47 -5.92 -1.41 -14.87
CA CYS A 47 -5.45 -1.13 -16.23
C CYS A 47 -5.74 -2.29 -17.17
N LEU A 48 -6.34 -3.35 -16.64
CA LEU A 48 -6.67 -4.53 -17.42
C LEU A 48 -5.43 -5.10 -18.11
N VAL A 49 -4.38 -5.34 -17.33
CA VAL A 49 -3.14 -5.88 -17.88
C VAL A 49 -2.52 -6.90 -16.93
N SER A 50 -1.74 -7.83 -17.48
CA SER A 50 -1.09 -8.84 -16.68
C SER A 50 0.34 -9.02 -17.13
N TYR A 51 1.20 -9.48 -16.22
CA TYR A 51 2.60 -9.67 -16.55
C TYR A 51 3.32 -10.48 -15.49
N GLU A 52 4.41 -11.12 -15.88
CA GLU A 52 5.20 -11.93 -14.97
C GLU A 52 6.25 -11.09 -14.27
N ILE A 53 6.53 -11.45 -13.02
CA ILE A 53 7.55 -10.75 -12.24
C ILE A 53 8.52 -11.77 -11.67
N ASN A 54 9.76 -11.34 -11.46
CA ASN A 54 10.79 -12.19 -10.91
C ASN A 54 11.37 -11.57 -9.65
N SER A 55 12.38 -12.22 -9.08
CA SER A 55 13.00 -11.73 -7.85
C SER A 55 13.69 -10.38 -8.00
N SER A 56 13.67 -9.81 -9.21
CA SER A 56 14.30 -8.52 -9.43
C SER A 56 13.26 -7.44 -9.72
N SER A 57 12.02 -7.86 -9.95
CA SER A 57 10.94 -6.94 -10.25
C SER A 57 10.46 -6.28 -8.97
N ILE A 58 10.37 -4.96 -8.98
CA ILE A 58 9.90 -4.24 -7.80
C ILE A 58 8.62 -3.50 -8.17
N ILE A 59 7.56 -3.75 -7.40
CA ILE A 59 6.27 -3.11 -7.65
C ILE A 59 6.09 -1.98 -6.64
N LEU A 60 5.70 -0.81 -7.15
CA LEU A 60 5.49 0.34 -6.27
C LEU A 60 4.01 0.71 -6.25
N LEU A 61 3.48 0.95 -5.05
CA LEU A 61 2.08 1.32 -4.88
C LEU A 61 2.01 2.77 -4.39
N LYS A 62 1.29 3.61 -5.12
CA LYS A 62 1.18 5.02 -4.77
C LYS A 62 0.23 5.29 -3.61
N LYS A 63 0.67 6.11 -2.67
CA LYS A 63 -0.16 6.45 -1.52
C LYS A 63 -1.47 7.06 -1.97
N ASN A 64 -2.54 6.72 -1.24
CA ASN A 64 -3.90 7.21 -1.52
C ASN A 64 -4.53 6.58 -2.76
N SER A 65 -3.86 5.59 -3.33
CA SER A 65 -4.41 4.90 -4.49
C SER A 65 -5.32 3.78 -4.01
N ILE A 66 -6.25 3.36 -4.86
CA ILE A 66 -7.17 2.26 -4.54
C ILE A 66 -6.81 1.17 -5.53
N GLN A 67 -6.21 0.09 -5.04
CA GLN A 67 -5.77 -1.01 -5.89
C GLN A 67 -6.77 -2.14 -6.09
N ARG A 68 -6.68 -2.75 -7.28
CA ARG A 68 -7.52 -3.88 -7.67
C ARG A 68 -6.63 -4.79 -8.50
N PHE A 69 -6.01 -5.78 -7.86
CA PHE A 69 -5.11 -6.70 -8.57
C PHE A 69 -4.92 -8.02 -7.85
N SER A 70 -4.32 -8.97 -8.54
CA SER A 70 -4.05 -10.27 -7.96
C SER A 70 -2.62 -10.67 -8.29
N LEU A 71 -2.06 -11.53 -7.44
CA LEU A 71 -0.70 -12.02 -7.61
C LEU A 71 -0.80 -13.54 -7.52
N THR A 72 -0.37 -14.23 -8.57
CA THR A 72 -0.44 -15.68 -8.61
C THR A 72 0.95 -16.29 -8.74
N SER A 73 1.28 -17.21 -7.84
CA SER A 73 2.57 -17.86 -7.88
C SER A 73 2.62 -18.79 -9.08
N LEU A 74 3.75 -18.77 -9.78
CA LEU A 74 3.95 -19.64 -10.94
C LEU A 74 5.17 -20.51 -10.65
N SER A 75 5.40 -20.75 -9.35
CA SER A 75 6.53 -21.57 -8.91
C SER A 75 6.07 -22.78 -8.12
N ASP A 76 6.79 -23.89 -8.27
CA ASP A 76 6.44 -25.12 -7.58
C ASP A 76 7.01 -25.18 -6.16
N GLU A 77 7.55 -24.06 -5.71
CA GLU A 77 8.13 -23.96 -4.37
C GLU A 77 7.55 -22.74 -3.67
N ASN A 78 7.68 -22.67 -2.34
CA ASN A 78 7.16 -21.52 -1.63
C ASN A 78 7.90 -20.26 -2.03
N ILE A 79 7.21 -19.13 -1.99
CA ILE A 79 7.79 -17.84 -2.33
C ILE A 79 7.54 -16.87 -1.20
N ASN A 80 8.52 -16.03 -0.91
CA ASN A 80 8.38 -15.02 0.13
C ASN A 80 8.22 -13.65 -0.52
N VAL A 81 7.14 -12.97 -0.17
CA VAL A 81 6.86 -11.65 -0.70
C VAL A 81 7.23 -10.65 0.38
N SER A 82 8.16 -9.75 0.05
CA SER A 82 8.61 -8.75 0.99
C SER A 82 7.86 -7.45 0.72
N VAL A 83 7.33 -6.83 1.77
CA VAL A 83 6.60 -5.59 1.62
C VAL A 83 7.17 -4.49 2.49
N ILE A 84 7.60 -3.40 1.86
CA ILE A 84 8.17 -2.27 2.55
C ILE A 84 7.22 -1.09 2.56
N THR A 85 6.94 -0.57 3.75
CA THR A 85 6.06 0.58 3.87
C THR A 85 6.93 1.76 4.29
N ILE A 86 6.88 2.83 3.52
CA ILE A 86 7.68 4.02 3.78
C ILE A 86 6.88 5.09 4.54
N SER A 87 7.48 5.68 5.57
CA SER A 87 6.82 6.72 6.35
C SER A 87 6.77 8.01 5.57
N ASP A 88 5.79 8.85 5.88
CA ASP A 88 5.67 10.13 5.18
C ASP A 88 6.88 11.00 5.47
N SER A 89 7.39 10.93 6.69
CA SER A 89 8.55 11.73 7.08
C SER A 89 9.75 11.44 6.19
N PHE A 90 9.91 10.18 5.80
CA PHE A 90 11.02 9.80 4.94
C PHE A 90 10.72 10.20 3.50
N ILE A 91 9.46 10.04 3.09
CA ILE A 91 9.06 10.39 1.73
C ILE A 91 9.29 11.88 1.46
N ARG A 92 8.97 12.73 2.43
CA ARG A 92 9.16 14.16 2.25
C ARG A 92 10.66 14.48 2.22
N SER A 93 11.46 13.64 2.86
CA SER A 93 12.91 13.84 2.85
C SER A 93 13.37 13.59 1.41
N LEU A 94 12.70 12.63 0.77
CA LEU A 94 13.00 12.28 -0.61
C LEU A 94 12.58 13.42 -1.53
N LYS A 95 11.43 14.03 -1.23
CA LYS A 95 10.93 15.14 -2.02
C LYS A 95 11.99 16.24 -2.04
N SER A 96 12.72 16.33 -0.93
CA SER A 96 13.77 17.33 -0.78
C SER A 96 14.96 17.10 -1.71
N TYR A 97 15.45 15.87 -1.72
CA TYR A 97 16.60 15.53 -2.57
C TYR A 97 16.29 15.59 -4.05
N ILE A 98 15.00 15.68 -4.38
CA ILE A 98 14.59 15.76 -5.77
C ILE A 98 14.24 17.22 -6.06
N LEU A 99 15.12 17.89 -6.81
CA LEU A 99 14.91 19.29 -7.16
C LEU A 99 14.63 19.46 -8.65
N GLY A 100 13.76 20.40 -8.99
CA GLY A 100 13.43 20.64 -10.38
C GLY A 100 12.72 19.46 -11.04
N ASN A 111 -0.97 9.66 -13.48
CA ASN A 111 -2.10 9.06 -12.79
C ASN A 111 -1.92 7.56 -12.55
N LYS A 112 -0.77 7.03 -12.95
CA LYS A 112 -0.48 5.62 -12.77
C LYS A 112 -0.24 5.34 -11.29
N ASP A 113 -1.00 4.40 -10.73
CA ASP A 113 -0.92 4.07 -9.32
C ASP A 113 -0.08 2.84 -8.98
N LEU A 114 0.12 1.98 -9.97
CA LEU A 114 0.91 0.78 -9.79
C LEU A 114 2.08 0.81 -10.77
N LEU A 115 3.28 0.99 -10.24
CA LEU A 115 4.48 1.06 -11.07
C LEU A 115 5.38 -0.16 -10.90
N LEU A 116 5.73 -0.77 -12.02
CA LEU A 116 6.59 -1.95 -12.03
C LEU A 116 7.98 -1.57 -12.52
N TRP A 117 9.00 -1.99 -11.77
CA TRP A 117 10.38 -1.69 -12.16
C TRP A 117 11.25 -2.95 -12.17
N ASN A 118 11.87 -3.22 -13.31
CA ASN A 118 12.76 -4.37 -13.45
C ASN A 118 14.15 -3.91 -13.02
N CYS A 119 14.55 -4.28 -11.80
CA CYS A 119 15.85 -3.89 -11.24
C CYS A 119 17.09 -4.43 -11.95
N GLU A 120 18.22 -3.79 -11.64
CA GLU A 120 19.52 -4.15 -12.18
C GLU A 120 20.38 -4.72 -11.04
N HIS A 121 19.77 -5.60 -10.26
CA HIS A 121 20.40 -6.25 -9.12
C HIS A 121 21.37 -5.38 -8.33
N ASN A 122 21.00 -4.11 -8.18
CA ASN A 122 21.78 -3.12 -7.43
C ASN A 122 20.76 -2.50 -6.51
N ASP A 123 19.65 -2.11 -7.12
CA ASP A 123 18.54 -1.50 -6.41
C ASP A 123 17.80 -2.58 -5.63
N ILE A 124 17.63 -3.75 -6.26
CA ILE A 124 16.94 -4.86 -5.61
C ILE A 124 17.84 -5.41 -4.49
N ALA A 125 19.11 -5.02 -4.52
CA ALA A 125 20.06 -5.45 -3.51
C ALA A 125 19.90 -4.58 -2.27
N VAL A 126 19.64 -3.29 -2.49
CA VAL A 126 19.45 -2.36 -1.40
C VAL A 126 18.09 -2.61 -0.76
N LEU A 127 17.08 -2.79 -1.61
CA LEU A 127 15.72 -3.04 -1.14
C LEU A 127 15.66 -4.32 -0.32
N SER A 128 16.44 -5.32 -0.72
CA SER A 128 16.47 -6.59 -0.02
C SER A 128 17.11 -6.43 1.37
N GLU A 129 17.96 -5.42 1.50
CA GLU A 129 18.63 -5.16 2.77
C GLU A 129 17.68 -4.41 3.71
N VAL A 130 16.75 -3.66 3.12
CA VAL A 130 15.77 -2.91 3.90
C VAL A 130 14.81 -3.88 4.59
N VAL A 131 14.33 -4.86 3.83
CA VAL A 131 13.42 -5.85 4.38
C VAL A 131 14.20 -6.75 5.32
N ASN A 132 15.50 -6.85 5.06
CA ASN A 132 16.38 -7.68 5.87
C ASN A 132 16.72 -6.98 7.19
N GLY A 133 16.04 -5.87 7.44
CA GLY A 133 16.26 -5.13 8.68
C GLY A 133 17.64 -4.53 8.88
N PHE A 134 18.39 -4.31 7.80
CA PHE A 134 19.72 -3.70 7.88
C PHE A 134 20.66 -4.45 8.83
N ARG A 135 20.71 -5.77 8.75
CA ARG A 135 21.57 -6.54 9.64
C ARG A 135 22.75 -7.21 8.95
N GLU A 136 23.08 -6.71 7.76
CA GLU A 136 24.19 -7.24 6.97
C GLU A 136 24.93 -5.99 6.47
N ILE A 137 24.16 -4.94 6.26
CA ILE A 137 24.65 -3.64 5.80
C ILE A 137 23.81 -2.58 6.50
N ASN A 138 24.47 -1.53 6.99
CA ASN A 138 23.75 -0.46 7.66
C ASN A 138 23.87 0.87 6.93
N TYR A 139 23.15 0.98 5.81
CA TYR A 139 23.17 2.19 5.00
C TYR A 139 22.91 3.41 5.87
N SER A 140 23.35 4.58 5.39
CA SER A 140 23.14 5.81 6.14
C SER A 140 21.90 6.53 5.64
N ASP A 141 21.44 7.51 6.41
CA ASP A 141 20.26 8.27 6.04
C ASP A 141 20.50 8.94 4.70
N GLU A 142 21.71 9.46 4.51
CA GLU A 142 22.08 10.14 3.28
C GLU A 142 21.94 9.21 2.07
N PHE A 143 22.56 8.04 2.13
CA PHE A 143 22.51 7.08 1.05
C PHE A 143 21.09 6.62 0.76
N LEU A 144 20.35 6.26 1.79
CA LEU A 144 18.98 5.81 1.62
C LEU A 144 18.10 6.89 1.01
N LYS A 145 18.36 8.14 1.35
CA LYS A 145 17.58 9.25 0.82
C LYS A 145 17.89 9.52 -0.65
N VAL A 146 19.16 9.45 -1.03
CA VAL A 146 19.54 9.69 -2.42
C VAL A 146 19.14 8.48 -3.26
N PHE A 147 19.23 7.30 -2.67
CA PHE A 147 18.87 6.05 -3.34
C PHE A 147 17.40 6.06 -3.73
N PHE A 148 16.54 6.05 -2.72
CA PHE A 148 15.09 6.04 -2.94
C PHE A 148 14.63 7.21 -3.79
N SER A 149 15.14 8.40 -3.50
CA SER A 149 14.76 9.58 -4.28
C SER A 149 15.14 9.32 -5.74
N GLY A 150 16.33 8.75 -5.94
CA GLY A 150 16.79 8.47 -7.29
C GLY A 150 16.02 7.32 -7.90
N PHE A 151 15.41 6.48 -7.06
CA PHE A 151 14.64 5.35 -7.53
C PHE A 151 13.29 5.80 -8.10
N PHE A 152 12.58 6.60 -7.32
CA PHE A 152 11.27 7.11 -7.75
C PHE A 152 11.43 8.07 -8.93
N SER A 153 12.51 8.85 -8.91
CA SER A 153 12.78 9.80 -9.97
C SER A 153 12.87 9.08 -11.31
N LYS A 154 13.40 7.86 -11.29
CA LYS A 154 13.54 7.07 -12.50
C LYS A 154 12.23 6.44 -12.93
N VAL A 155 11.58 5.74 -12.00
CA VAL A 155 10.32 5.08 -12.31
C VAL A 155 9.26 6.08 -12.76
N GLU A 156 9.35 7.31 -12.26
CA GLU A 156 8.40 8.36 -12.65
C GLU A 156 8.48 8.60 -14.14
N LYS A 157 9.67 8.43 -14.70
CA LYS A 157 9.89 8.63 -16.12
C LYS A 157 9.34 7.44 -16.89
N LYS A 158 9.48 6.25 -16.31
CA LYS A 158 9.01 5.03 -16.94
C LYS A 158 7.48 4.94 -16.93
N TYR A 159 6.83 6.00 -16.44
CA TYR A 159 5.37 6.03 -16.38
C TYR A 159 4.76 7.42 -16.62
N ASN A 160 3.43 7.49 -16.55
CA ASN A 160 2.67 8.71 -16.78
C ASN A 160 2.98 10.02 -16.06
N SER A 161 2.78 10.05 -14.74
CA SER A 161 3.11 11.24 -13.98
C SER A 161 3.92 10.99 -12.71
N ILE A 162 4.10 12.05 -11.93
CA ILE A 162 4.85 12.00 -10.69
C ILE A 162 4.27 10.96 -9.76
N PHE A 163 5.15 10.19 -9.13
CA PHE A 163 4.74 9.15 -8.19
C PHE A 163 4.47 9.82 -6.84
N ILE A 164 5.23 10.86 -6.54
CA ILE A 164 5.09 11.61 -5.32
C ILE A 164 4.01 12.67 -5.54
N THR A 165 3.51 13.31 -4.50
CA THR A 165 2.46 14.32 -4.66
C THR A 165 2.42 15.53 -3.84
N ASP A 166 2.07 16.63 -4.46
CA ASP A 166 2.15 17.92 -3.79
C ASP A 166 1.30 17.52 -2.73
N ASP A 167 1.79 17.61 -1.55
CA ASP A 167 1.08 17.26 -0.39
C ASP A 167 -0.28 17.69 -0.24
N LEU A 168 -0.69 18.89 -0.67
CA LEU A 168 -2.06 19.26 -0.58
C LEU A 168 -2.92 18.81 -1.70
N ASP A 169 -2.75 17.63 -2.11
CA ASP A 169 -3.61 17.00 -3.11
C ASP A 169 -4.97 16.81 -2.47
N ALA A 170 -6.04 16.85 -3.26
CA ALA A 170 -7.39 16.71 -2.72
C ALA A 170 -7.62 15.35 -2.06
N MET A 171 -7.11 14.29 -2.68
CA MET A 171 -7.27 12.94 -2.12
C MET A 171 -6.52 12.82 -0.78
N GLU A 172 -5.36 13.46 -0.69
CA GLU A 172 -4.55 13.44 0.53
C GLU A 172 -5.31 14.13 1.66
N LYS A 173 -6.00 15.21 1.32
CA LYS A 173 -6.77 15.96 2.31
C LYS A 173 -7.95 15.14 2.81
N ILE A 174 -8.62 14.45 1.90
CA ILE A 174 -9.76 13.61 2.26
C ILE A 174 -9.31 12.44 3.13
N SER A 175 -8.24 11.76 2.72
CA SER A 175 -7.71 10.62 3.46
C SER A 175 -7.25 10.98 4.86
N CYS A 176 -6.46 12.05 4.97
CA CYS A 176 -5.95 12.49 6.27
C CYS A 176 -7.12 12.84 7.18
N LEU A 177 -8.15 13.44 6.60
CA LEU A 177 -9.33 13.81 7.37
C LEU A 177 -9.91 12.56 8.01
N VAL A 178 -10.23 11.58 7.17
CA VAL A 178 -10.81 10.32 7.64
C VAL A 178 -9.93 9.61 8.67
N LYS A 179 -8.63 9.50 8.38
CA LYS A 179 -7.71 8.84 9.30
C LYS A 179 -7.60 9.58 10.64
N SER A 180 -7.84 10.88 10.64
CA SER A 180 -7.76 11.66 11.87
C SER A 180 -8.95 11.42 12.82
N ASP A 181 -10.01 10.82 12.30
CA ASP A 181 -11.19 10.55 13.11
C ASP A 181 -11.91 9.37 12.41
N ILE A 182 -11.27 8.21 12.46
CA ILE A 182 -11.72 6.99 11.82
C ILE A 182 -13.10 6.47 12.22
N THR A 183 -13.57 6.80 13.41
CA THR A 183 -14.89 6.31 13.82
C THR A 183 -16.03 7.25 13.51
N ARG A 184 -15.71 8.45 13.04
CA ARG A 184 -16.78 9.38 12.71
C ARG A 184 -17.66 8.76 11.62
N ASN A 185 -18.97 9.00 11.67
CA ASN A 185 -19.88 8.46 10.67
C ASN A 185 -19.83 9.31 9.40
N TRP A 186 -18.68 9.25 8.74
CA TRP A 186 -18.41 10.03 7.53
C TRP A 186 -19.47 10.04 6.45
N ARG A 187 -19.75 11.24 5.97
CA ARG A 187 -20.69 11.48 4.89
C ARG A 187 -20.05 12.50 3.98
N TRP A 188 -20.54 12.57 2.75
CA TRP A 188 -20.00 13.57 1.83
C TRP A 188 -20.08 14.97 2.44
N ALA A 189 -21.18 15.25 3.15
CA ALA A 189 -21.39 16.55 3.77
C ALA A 189 -20.25 16.90 4.73
N ASP A 190 -19.75 15.88 5.45
CA ASP A 190 -18.66 16.09 6.39
C ASP A 190 -17.37 16.46 5.67
N ILE A 191 -17.13 15.78 4.55
CA ILE A 191 -15.93 16.04 3.77
C ILE A 191 -15.97 17.45 3.18
N CYS A 192 -17.10 17.83 2.59
CA CYS A 192 -17.21 19.16 2.00
C CYS A 192 -17.08 20.26 3.05
N GLY A 193 -17.71 20.04 4.21
CA GLY A 193 -17.66 21.03 5.27
C GLY A 193 -16.27 21.18 5.85
N GLU A 194 -15.59 20.07 6.08
CA GLU A 194 -14.23 20.12 6.63
C GLU A 194 -13.24 20.72 5.64
N LEU A 195 -13.37 20.39 4.37
CA LEU A 195 -12.45 20.91 3.37
C LEU A 195 -12.90 22.23 2.73
N ARG A 196 -14.07 22.72 3.12
CA ARG A 196 -14.57 23.98 2.58
C ARG A 196 -14.55 23.93 1.06
N THR A 197 -14.97 22.81 0.51
CA THR A 197 -14.99 22.61 -0.95
C THR A 197 -16.25 21.85 -1.36
N ASN A 198 -16.84 22.22 -2.49
CA ASN A 198 -18.05 21.54 -2.93
C ASN A 198 -17.78 20.16 -3.51
N ARG A 199 -18.82 19.34 -3.51
CA ARG A 199 -18.73 17.98 -4.00
C ARG A 199 -18.46 17.85 -5.49
N MET A 200 -18.92 18.82 -6.27
CA MET A 200 -18.70 18.78 -7.71
C MET A 200 -17.21 18.84 -8.02
N ILE A 201 -16.46 19.50 -7.14
CA ILE A 201 -15.03 19.60 -7.33
C ILE A 201 -14.28 18.41 -6.73
N LEU A 202 -14.74 17.92 -5.58
CA LEU A 202 -14.09 16.79 -4.91
C LEU A 202 -14.41 15.42 -5.48
N LYS A 203 -15.60 15.26 -6.05
CA LYS A 203 -16.03 13.97 -6.57
C LYS A 203 -15.06 13.31 -7.57
N LYS A 204 -14.23 14.11 -8.22
CA LYS A 204 -13.28 13.55 -9.18
C LYS A 204 -12.30 12.57 -8.51
N GLU A 205 -11.95 12.85 -7.26
CA GLU A 205 -11.02 12.00 -6.54
C GLU A 205 -11.52 10.57 -6.41
N LEU A 206 -12.82 10.43 -6.16
CA LEU A 206 -13.42 9.09 -6.03
C LEU A 206 -13.70 8.46 -7.38
N GLU A 207 -14.19 9.27 -8.32
CA GLU A 207 -14.50 8.77 -9.65
C GLU A 207 -13.26 8.19 -10.34
N SER A 208 -12.17 8.94 -10.36
CA SER A 208 -10.94 8.50 -10.99
C SER A 208 -10.44 7.21 -10.34
N ARG A 209 -10.87 6.95 -9.11
CA ARG A 209 -10.45 5.75 -8.39
C ARG A 209 -11.52 4.67 -8.43
N GLY A 210 -12.58 4.96 -9.17
CA GLY A 210 -13.68 4.02 -9.31
C GLY A 210 -14.36 3.55 -8.05
N VAL A 211 -14.57 4.44 -7.09
CA VAL A 211 -15.23 4.05 -5.85
C VAL A 211 -16.31 5.05 -5.42
N LYS A 212 -17.35 4.54 -4.78
CA LYS A 212 -18.42 5.37 -4.27
C LYS A 212 -17.98 5.73 -2.86
N PHE A 213 -18.65 6.71 -2.25
CA PHE A 213 -18.27 7.15 -0.92
C PHE A 213 -18.13 6.02 0.11
N ARG A 214 -19.13 5.16 0.20
CA ARG A 214 -19.11 4.05 1.14
C ARG A 214 -17.84 3.22 0.98
N GLU A 215 -17.54 2.85 -0.25
CA GLU A 215 -16.35 2.04 -0.56
C GLU A 215 -15.05 2.72 -0.18
N LEU A 216 -15.00 4.04 -0.35
CA LEU A 216 -13.79 4.76 -0.02
C LEU A 216 -13.53 4.75 1.49
N ILE A 217 -14.57 5.05 2.27
CA ILE A 217 -14.42 5.05 3.71
C ILE A 217 -14.06 3.64 4.21
N ASN A 218 -14.79 2.64 3.73
CA ASN A 218 -14.50 1.26 4.12
C ASN A 218 -13.06 0.89 3.80
N SER A 219 -12.59 1.28 2.62
CA SER A 219 -11.21 0.94 2.21
C SER A 219 -10.19 1.54 3.17
N ILE A 220 -10.40 2.79 3.57
CA ILE A 220 -9.48 3.46 4.49
C ILE A 220 -9.51 2.78 5.86
N ARG A 221 -10.70 2.38 6.30
CA ARG A 221 -10.86 1.71 7.58
C ARG A 221 -10.17 0.34 7.59
N ILE A 222 -10.23 -0.38 6.48
CA ILE A 222 -9.58 -1.68 6.40
C ILE A 222 -8.07 -1.52 6.52
N SER A 223 -7.50 -0.57 5.77
CA SER A 223 -6.06 -0.38 5.87
C SER A 223 -5.67 0.06 7.27
N TYR A 224 -6.58 0.77 7.93
CA TYR A 224 -6.36 1.23 9.29
C TYR A 224 -6.32 0.00 10.20
N SER A 225 -7.20 -0.97 9.94
CA SER A 225 -7.21 -2.19 10.75
C SER A 225 -5.93 -2.99 10.55
N ILE A 226 -5.37 -2.94 9.35
CA ILE A 226 -4.12 -3.66 9.07
C ILE A 226 -2.99 -3.01 9.89
N SER A 227 -2.94 -1.69 9.85
CA SER A 227 -1.92 -0.95 10.61
C SER A 227 -2.00 -1.31 12.09
N LEU A 228 -3.22 -1.48 12.60
CA LEU A 228 -3.41 -1.82 14.01
C LEU A 228 -2.89 -3.22 14.29
N MET A 229 -3.18 -4.15 13.39
CA MET A 229 -2.72 -5.52 13.56
C MET A 229 -1.20 -5.61 13.53
N LYS A 230 -0.55 -4.67 12.84
CA LYS A 230 0.90 -4.65 12.76
C LYS A 230 1.57 -4.15 14.04
N THR A 231 0.84 -3.36 14.83
CA THR A 231 1.40 -2.80 16.07
C THR A 231 1.46 -3.85 17.17
N GLY A 232 0.74 -4.95 16.99
CA GLY A 232 0.75 -5.99 17.99
C GLY A 232 -0.62 -6.27 18.58
N GLU A 233 -1.66 -5.80 17.92
CA GLU A 233 -3.03 -6.02 18.38
C GLU A 233 -3.58 -7.28 17.72
N PHE A 234 -4.05 -8.21 18.54
CA PHE A 234 -4.59 -9.46 18.04
C PHE A 234 -6.08 -9.64 18.28
N LYS A 235 -6.63 -8.85 19.19
CA LYS A 235 -8.05 -8.95 19.51
C LYS A 235 -8.90 -8.44 18.34
N ILE A 236 -9.29 -9.37 17.47
CA ILE A 236 -10.09 -9.03 16.30
C ILE A 236 -11.33 -8.20 16.63
N LYS A 237 -12.04 -8.58 17.69
CA LYS A 237 -13.24 -7.88 18.10
C LYS A 237 -12.96 -6.41 18.38
N GLN A 238 -11.86 -6.15 19.07
CA GLN A 238 -11.49 -4.78 19.40
C GLN A 238 -11.07 -4.02 18.16
N ILE A 239 -10.33 -4.68 17.27
CA ILE A 239 -9.85 -4.06 16.04
C ILE A 239 -11.01 -3.57 15.17
N ALA A 240 -12.10 -4.33 15.14
CA ALA A 240 -13.25 -3.96 14.33
C ALA A 240 -13.77 -2.57 14.73
N TYR A 241 -14.01 -2.37 16.03
CA TYR A 241 -14.53 -1.09 16.50
C TYR A 241 -13.47 0.00 16.52
N GLN A 242 -12.23 -0.37 16.82
CA GLN A 242 -11.15 0.61 16.84
C GLN A 242 -10.95 1.20 15.44
N SER A 243 -11.32 0.42 14.42
CA SER A 243 -11.16 0.86 13.04
C SER A 243 -12.37 1.60 12.48
N GLY A 244 -13.38 1.87 13.33
CA GLY A 244 -14.52 2.63 12.86
C GLY A 244 -15.71 1.85 12.33
N PHE A 245 -15.64 0.53 12.38
CA PHE A 245 -16.74 -0.29 11.90
C PHE A 245 -17.85 -0.38 12.93
N ALA A 246 -19.09 -0.42 12.44
CA ALA A 246 -20.27 -0.49 13.30
C ALA A 246 -20.45 -1.84 13.96
N SER A 247 -19.86 -2.87 13.38
CA SER A 247 -19.98 -4.22 13.94
C SER A 247 -18.78 -5.08 13.52
N VAL A 248 -18.61 -6.22 14.20
CA VAL A 248 -17.52 -7.14 13.90
C VAL A 248 -17.78 -7.87 12.59
N SER A 249 -19.05 -8.19 12.35
CA SER A 249 -19.45 -8.91 11.13
C SER A 249 -19.21 -8.08 9.89
N TYR A 250 -19.58 -6.81 9.94
CA TYR A 250 -19.39 -5.95 8.78
C TYR A 250 -17.91 -5.77 8.53
N PHE A 251 -17.12 -5.63 9.60
CA PHE A 251 -15.68 -5.49 9.47
C PHE A 251 -15.12 -6.70 8.76
N SER A 252 -15.48 -7.89 9.24
CA SER A 252 -15.00 -9.12 8.65
C SER A 252 -15.41 -9.29 7.20
N THR A 253 -16.65 -8.92 6.89
CA THR A 253 -17.16 -9.04 5.53
C THR A 253 -16.37 -8.13 4.59
N VAL A 254 -16.19 -6.88 5.01
CA VAL A 254 -15.45 -5.92 4.21
C VAL A 254 -13.97 -6.33 4.11
N PHE A 255 -13.39 -6.81 5.20
CA PHE A 255 -11.99 -7.22 5.19
C PHE A 255 -11.80 -8.37 4.19
N LYS A 256 -12.66 -9.39 4.27
CA LYS A 256 -12.58 -10.54 3.38
C LYS A 256 -12.76 -10.13 1.92
N SER A 257 -13.65 -9.17 1.68
CA SER A 257 -13.91 -8.69 0.33
C SER A 257 -12.69 -7.94 -0.21
N THR A 258 -11.95 -7.29 0.67
CA THR A 258 -10.78 -6.50 0.30
C THR A 258 -9.49 -7.30 0.19
N MET A 259 -9.22 -8.16 1.17
CA MET A 259 -7.99 -8.94 1.24
C MET A 259 -8.15 -10.39 0.78
N ASN A 260 -9.39 -10.81 0.55
CA ASN A 260 -9.70 -12.16 0.12
C ASN A 260 -9.34 -13.21 1.18
N VAL A 261 -9.11 -12.74 2.41
CA VAL A 261 -8.82 -13.62 3.54
C VAL A 261 -9.53 -13.03 4.76
N ALA A 262 -9.70 -13.82 5.81
CA ALA A 262 -10.36 -13.33 7.03
C ALA A 262 -9.36 -12.52 7.85
N PRO A 263 -9.87 -11.59 8.68
CA PRO A 263 -8.98 -10.77 9.51
C PRO A 263 -8.02 -11.63 10.34
N SER A 264 -8.55 -12.62 11.03
CA SER A 264 -7.72 -13.50 11.86
C SER A 264 -6.67 -14.21 11.02
N GLU A 265 -7.03 -14.56 9.80
CA GLU A 265 -6.12 -15.25 8.90
C GLU A 265 -4.94 -14.33 8.55
N TYR A 266 -5.22 -13.07 8.24
CA TYR A 266 -4.15 -12.13 7.92
C TYR A 266 -3.25 -11.92 9.14
N LEU A 267 -3.86 -11.75 10.30
CA LEU A 267 -3.12 -11.55 11.54
C LEU A 267 -2.11 -12.67 11.73
N PHE A 268 -2.55 -13.90 11.46
CA PHE A 268 -1.70 -15.08 11.58
C PHE A 268 -0.52 -14.98 10.64
N MET A 269 -0.75 -14.40 9.46
CA MET A 269 0.32 -14.25 8.48
C MET A 269 1.37 -13.24 8.96
N LEU A 270 1.00 -12.44 9.94
CA LEU A 270 1.91 -11.46 10.49
C LEU A 270 2.92 -12.11 11.44
N THR A 271 2.91 -13.43 11.46
CA THR A 271 3.83 -14.18 12.33
C THR A 271 5.16 -14.42 11.64
N GLY A 272 5.12 -15.02 10.45
CA GLY A 272 6.34 -15.30 9.72
C GLY A 272 6.95 -16.62 10.16
N VAL A 273 7.39 -17.40 9.19
CA VAL A 273 7.98 -18.70 9.44
C VAL A 273 9.48 -18.70 9.20
C1 PAM B . 0.47 -4.83 3.94
O1 PAM B . 1.49 -5.42 4.34
O2 PAM B . 0.41 -3.59 4.07
C2 PAM B . -0.68 -5.60 3.32
C3 PAM B . -1.11 -4.94 2.00
C4 PAM B . -0.86 -5.88 0.83
C5 PAM B . -0.26 -5.12 -0.35
C6 PAM B . 1.11 -5.71 -0.71
C7 PAM B . 1.02 -6.59 -1.96
C8 PAM B . 1.94 -7.80 -1.84
C9 PAM B . 1.22 -9.08 -2.30
C10 PAM B . 1.01 -10.12 -1.51
C11 PAM B . 1.49 -10.13 -0.05
C12 PAM B . 0.38 -9.71 0.92
C13 PAM B . -0.47 -10.90 1.35
C14 PAM B . -1.69 -10.43 2.14
C15 PAM B . -2.53 -11.62 2.55
C16 PAM B . -3.76 -11.76 1.67
#